data_6OBB
#
_entry.id   6OBB
#
_cell.length_a   44.676
_cell.length_b   57.950
_cell.length_c   61.012
_cell.angle_alpha   90.00
_cell.angle_beta   110.59
_cell.angle_gamma   90.00
#
_symmetry.space_group_name_H-M   'P 1 21 1'
#
loop_
_entity.id
_entity.type
_entity.pdbx_description
1 polymer 'Tyrosine-protein kinase JAK2'
2 non-polymer 5-amino-N-phenyl-3-[(4-sulfamoylphenyl)amino]-1H-1,2,4-triazole-1-carboxamide
3 water water
#
_entity_poly.entity_id   1
_entity_poly.type   'polypeptide(L)'
_entity_poly.pdbx_seq_one_letter_code
;VFHKIRNEDLIFNESLGQGTFTKIFKGVRREVGDYGQLHETEVLLKVLDKAHRNYSESFFEAASMMSKLSHKHLVLNYGV
CVCGDENILVQEFVKFGSLDTYLKKNKNCINILWKLEVAKQLAAAMHFLEENTLIHGNVCAKNILLIREEDRKTGNPPFI
KLSDPGISITVLPKDILQERIPWVPPECIENPKNLNLATDKWSFGTTLWEICSGGDKPLSALDSQRKLQFYEDRHQLPAP
KAAELANLINNCMDYEPDHRPSFRAIIRDLNSLFTPDLVPRGSHHHHHH
;
_entity_poly.pdbx_strand_id   A
#
loop_
_chem_comp.id
_chem_comp.type
_chem_comp.name
_chem_comp.formula
M3Y non-polymer 5-amino-N-phenyl-3-[(4-sulfamoylphenyl)amino]-1H-1,2,4-triazole-1-carboxamide 'C15 H15 N7 O3 S'
#
# COMPACT_ATOMS: atom_id res chain seq x y z
N PHE A 2 5.41 -20.26 0.26
CA PHE A 2 5.67 -19.60 1.53
C PHE A 2 6.21 -20.57 2.58
N HIS A 3 7.11 -20.07 3.43
CA HIS A 3 7.61 -20.85 4.55
C HIS A 3 6.53 -21.02 5.62
N LYS A 4 6.39 -22.24 6.13
CA LYS A 4 5.36 -22.55 7.12
C LYS A 4 5.90 -22.33 8.52
N ILE A 5 5.17 -21.56 9.33
CA ILE A 5 5.58 -21.22 10.68
C ILE A 5 4.60 -21.83 11.67
N ARG A 6 5.14 -22.44 12.74
CA ARG A 6 4.29 -23.11 13.72
C ARG A 6 3.57 -22.09 14.60
N ASN A 7 2.30 -22.38 14.88
CA ASN A 7 1.54 -21.57 15.81
C ASN A 7 2.24 -21.45 17.16
N GLU A 8 2.89 -22.54 17.59
CA GLU A 8 3.61 -22.56 18.86
C GLU A 8 4.73 -21.54 18.91
N ASP A 9 5.26 -21.13 17.76
CA ASP A 9 6.37 -20.20 17.73
C ASP A 9 5.92 -18.74 17.60
N LEU A 10 4.61 -18.48 17.63
CA LEU A 10 4.07 -17.13 17.48
C LEU A 10 3.34 -16.72 18.76
N ILE A 11 3.59 -15.48 19.21
CA ILE A 11 2.89 -14.89 20.35
C ILE A 11 2.17 -13.64 19.85
N PHE A 12 0.86 -13.56 20.07
CA PHE A 12 0.09 -12.38 19.65
C PHE A 12 0.13 -11.32 20.74
N ASN A 13 0.50 -10.09 20.38
CA ASN A 13 0.36 -8.97 21.31
C ASN A 13 -0.66 -7.93 20.80
N GLU A 14 -0.33 -6.65 20.89
CA GLU A 14 -1.40 -5.63 20.84
C GLU A 14 -1.98 -5.50 19.44
N SER A 15 -3.27 -5.18 19.40
CA SER A 15 -3.92 -4.94 18.12
C SER A 15 -3.40 -3.66 17.50
N LEU A 16 -3.17 -3.70 16.17
CA LEU A 16 -2.74 -2.53 15.42
C LEU A 16 -3.79 -2.07 14.42
N GLY A 17 -5.02 -2.56 14.54
CA GLY A 17 -6.09 -2.10 13.69
C GLY A 17 -6.63 -3.18 12.79
N GLN A 18 -7.27 -2.75 11.69
CA GLN A 18 -7.93 -3.64 10.76
C GLN A 18 -7.53 -3.30 9.33
N GLY A 19 -7.70 -4.28 8.46
CA GLY A 19 -7.65 -4.08 7.01
C GLY A 19 -8.89 -4.69 6.39
N THR A 20 -8.91 -4.87 5.07
CA THR A 20 -10.13 -5.38 4.44
C THR A 20 -10.27 -6.87 4.77
N PHE A 21 -11.26 -7.19 5.61
CA PHE A 21 -11.52 -8.56 6.07
C PHE A 21 -10.33 -9.13 6.86
N THR A 22 -9.53 -8.27 7.48
CA THR A 22 -8.37 -8.72 8.25
C THR A 22 -8.26 -7.93 9.55
N LYS A 23 -7.58 -8.54 10.52
CA LYS A 23 -7.19 -7.91 11.77
C LYS A 23 -5.67 -7.96 11.89
N ILE A 24 -5.08 -6.89 12.43
CA ILE A 24 -3.63 -6.72 12.44
C ILE A 24 -3.13 -6.69 13.89
N PHE A 25 -2.03 -7.41 14.16
CA PHE A 25 -1.45 -7.47 15.51
C PHE A 25 0.07 -7.38 15.47
N LYS A 26 0.64 -6.75 16.49
CA LYS A 26 2.06 -6.93 16.76
C LYS A 26 2.28 -8.28 17.43
N GLY A 27 3.39 -8.94 17.10
CA GLY A 27 3.66 -10.24 17.69
C GLY A 27 5.15 -10.47 17.85
N VAL A 28 5.48 -11.66 18.34
CA VAL A 28 6.87 -12.13 18.48
C VAL A 28 6.95 -13.53 17.89
N ARG A 29 7.99 -13.79 17.09
CA ARG A 29 8.25 -15.11 16.54
C ARG A 29 9.53 -15.66 17.15
N ARG A 30 9.43 -16.84 17.76
CA ARG A 30 10.63 -17.57 18.19
C ARG A 30 11.21 -18.34 17.01
N GLU A 31 12.50 -18.17 16.74
CA GLU A 31 13.06 -18.86 15.58
C GLU A 31 14.53 -19.16 15.80
N VAL A 32 15.02 -20.16 15.08
CA VAL A 32 16.45 -20.40 14.95
C VAL A 32 16.94 -19.57 13.77
N GLY A 33 17.89 -18.68 14.00
CA GLY A 33 18.43 -17.83 12.97
C GLY A 33 19.78 -18.29 12.46
N ASP A 34 20.53 -17.34 11.88
CA ASP A 34 21.85 -17.63 11.36
C ASP A 34 22.75 -18.16 12.48
N TYR A 35 23.65 -19.07 12.09
CA TYR A 35 24.62 -19.70 12.98
C TYR A 35 23.95 -20.54 14.06
N GLY A 36 22.67 -20.86 13.90
CA GLY A 36 21.97 -21.64 14.90
C GLY A 36 21.55 -20.88 16.14
N GLN A 37 21.70 -19.56 16.15
CA GLN A 37 21.36 -18.77 17.33
C GLN A 37 19.86 -18.59 17.43
N LEU A 38 19.34 -18.68 18.66
CA LEU A 38 17.91 -18.53 18.91
C LEU A 38 17.54 -17.06 19.03
N HIS A 39 16.42 -16.70 18.42
CA HIS A 39 15.94 -15.32 18.38
C HIS A 39 14.46 -15.26 18.70
N GLU A 40 14.05 -14.15 19.31
CA GLU A 40 12.64 -13.77 19.44
C GLU A 40 12.45 -12.46 18.69
N THR A 41 11.76 -12.53 17.55
CA THR A 41 11.75 -11.45 16.56
C THR A 41 10.39 -10.78 16.52
N GLU A 42 10.37 -9.44 16.55
CA GLU A 42 9.12 -8.71 16.41
C GLU A 42 8.57 -8.92 15.00
N VAL A 43 7.27 -9.23 14.90
CA VAL A 43 6.63 -9.47 13.61
C VAL A 43 5.30 -8.74 13.56
N LEU A 44 4.81 -8.55 12.33
CA LEU A 44 3.47 -8.07 12.07
C LEU A 44 2.63 -9.26 11.62
N LEU A 45 1.49 -9.49 12.29
CA LEU A 45 0.63 -10.64 12.00
C LEU A 45 -0.66 -10.12 11.37
N LYS A 46 -0.92 -10.52 10.12
CA LYS A 46 -2.16 -10.17 9.45
C LYS A 46 -3.04 -11.41 9.44
N VAL A 47 -4.23 -11.30 10.03
CA VAL A 47 -5.10 -12.46 10.28
C VAL A 47 -6.36 -12.31 9.45
N LEU A 48 -6.62 -13.28 8.56
CA LEU A 48 -7.86 -13.27 7.81
C LEU A 48 -9.05 -13.64 8.71
N ASP A 49 -10.10 -12.82 8.66
CA ASP A 49 -11.31 -13.08 9.44
C ASP A 49 -11.82 -14.50 9.21
N LYS A 50 -12.19 -15.17 10.29
CA LYS A 50 -12.71 -16.54 10.19
C LYS A 50 -13.97 -16.58 9.34
N ALA A 51 -14.86 -15.60 9.51
CA ALA A 51 -16.08 -15.56 8.70
C ALA A 51 -15.81 -15.24 7.23
N HIS A 52 -14.57 -15.03 6.83
CA HIS A 52 -14.24 -14.73 5.44
C HIS A 52 -13.17 -15.68 4.92
N ARG A 53 -13.11 -16.90 5.48
CA ARG A 53 -12.09 -17.86 5.11
C ARG A 53 -12.10 -18.19 3.62
N ASN A 54 -13.18 -17.87 2.91
CA ASN A 54 -13.25 -18.16 1.48
C ASN A 54 -12.41 -17.20 0.64
N TYR A 55 -11.94 -16.08 1.20
CA TYR A 55 -11.05 -15.17 0.49
C TYR A 55 -9.58 -15.52 0.68
N SER A 56 -9.27 -16.65 1.31
CA SER A 56 -7.89 -16.92 1.72
C SER A 56 -7.00 -17.13 0.51
N GLU A 57 -7.51 -17.77 -0.54
CA GLU A 57 -6.72 -17.91 -1.75
C GLU A 57 -6.22 -16.56 -2.25
N SER A 58 -7.13 -15.57 -2.32
CA SER A 58 -6.74 -14.24 -2.80
C SER A 58 -5.86 -13.52 -1.78
N PHE A 59 -6.22 -13.60 -0.51
CA PHE A 59 -5.44 -13.05 0.61
C PHE A 59 -3.96 -13.43 0.46
N PHE A 60 -3.68 -14.70 0.22
CA PHE A 60 -2.31 -15.22 0.19
C PHE A 60 -1.65 -15.12 -1.18
N GLU A 61 -2.40 -15.29 -2.28
CA GLU A 61 -1.83 -15.04 -3.60
C GLU A 61 -1.31 -13.61 -3.71
N ALA A 62 -1.97 -12.67 -3.03
CA ALA A 62 -1.47 -11.30 -2.98
C ALA A 62 -0.04 -11.27 -2.47
N ALA A 63 0.17 -11.76 -1.25
CA ALA A 63 1.50 -11.72 -0.64
C ALA A 63 2.49 -12.57 -1.43
N SER A 64 2.04 -13.70 -1.97
CA SER A 64 2.96 -14.65 -2.59
C SER A 64 3.63 -14.05 -3.83
N MET A 65 2.83 -13.44 -4.70
CA MET A 65 3.36 -12.93 -5.96
C MET A 65 4.48 -11.91 -5.73
N MET A 66 4.25 -10.96 -4.80
CA MET A 66 5.28 -9.96 -4.53
C MET A 66 6.51 -10.57 -3.89
N SER A 67 6.31 -11.56 -3.00
CA SER A 67 7.44 -12.19 -2.33
C SER A 67 8.28 -13.08 -3.26
N LYS A 68 7.84 -13.32 -4.49
CA LYS A 68 8.73 -13.97 -5.43
C LYS A 68 9.77 -13.01 -6.01
N LEU A 69 9.56 -11.72 -5.84
CA LEU A 69 10.55 -10.69 -6.16
C LEU A 69 11.11 -10.11 -4.86
N SER A 70 12.38 -9.73 -4.88
CA SER A 70 13.03 -9.12 -3.72
C SER A 70 13.48 -7.72 -4.13
N HIS A 71 13.23 -6.73 -3.27
CA HIS A 71 13.60 -5.35 -3.58
C HIS A 71 13.60 -4.54 -2.29
N LYS A 72 14.48 -3.54 -2.21
CA LYS A 72 14.64 -2.79 -0.96
C LYS A 72 13.41 -1.99 -0.58
N HIS A 73 12.53 -1.67 -1.52
CA HIS A 73 11.32 -0.91 -1.23
C HIS A 73 10.06 -1.77 -1.19
N LEU A 74 10.19 -3.10 -1.10
CA LEU A 74 9.06 -4.01 -0.95
C LEU A 74 9.15 -4.73 0.39
N VAL A 75 8.02 -4.79 1.10
CA VAL A 75 7.99 -5.37 2.44
C VAL A 75 8.40 -6.84 2.40
N LEU A 76 9.08 -7.29 3.45
CA LEU A 76 9.52 -8.67 3.55
C LEU A 76 8.43 -9.51 4.23
N ASN A 77 8.08 -10.64 3.63
CA ASN A 77 7.22 -11.64 4.26
C ASN A 77 8.06 -12.79 4.78
N TYR A 78 7.86 -13.15 6.04
CA TYR A 78 8.58 -14.27 6.63
C TYR A 78 7.94 -15.62 6.31
N GLY A 79 6.62 -15.66 6.19
CA GLY A 79 5.94 -16.92 5.94
C GLY A 79 4.48 -16.83 6.36
N VAL A 80 3.87 -18.00 6.52
CA VAL A 80 2.47 -18.09 6.88
C VAL A 80 2.31 -19.09 8.03
N CYS A 81 1.24 -18.91 8.79
CA CYS A 81 0.81 -19.88 9.79
C CYS A 81 -0.62 -20.25 9.47
N VAL A 82 -0.83 -21.52 9.11
CA VAL A 82 -2.16 -22.02 8.78
C VAL A 82 -2.47 -23.19 9.71
N CYS A 83 -1.93 -23.12 10.93
CA CYS A 83 -2.22 -24.12 11.95
C CYS A 83 -3.68 -24.02 12.36
N GLY A 84 -4.44 -25.08 12.12
CA GLY A 84 -5.82 -25.09 12.60
C GLY A 84 -6.70 -24.22 11.73
N ASP A 85 -7.47 -23.33 12.39
CA ASP A 85 -8.56 -22.62 11.73
C ASP A 85 -8.19 -21.21 11.25
N GLU A 86 -7.03 -20.69 11.62
CA GLU A 86 -6.66 -19.35 11.21
C GLU A 86 -5.82 -19.36 9.94
N ASN A 87 -5.84 -18.23 9.23
CA ASN A 87 -4.94 -17.96 8.13
C ASN A 87 -4.18 -16.68 8.49
N ILE A 88 -2.86 -16.81 8.66
CA ILE A 88 -2.03 -15.74 9.19
C ILE A 88 -0.84 -15.50 8.27
N LEU A 89 -0.66 -14.25 7.85
CA LEU A 89 0.55 -13.85 7.15
C LEU A 89 1.52 -13.24 8.15
N VAL A 90 2.77 -13.72 8.15
CA VAL A 90 3.80 -13.28 9.09
C VAL A 90 4.79 -12.41 8.32
N GLN A 91 4.89 -11.15 8.74
CA GLN A 91 5.53 -10.08 7.97
C GLN A 91 6.47 -9.29 8.88
N GLU A 92 7.47 -8.65 8.26
CA GLU A 92 8.40 -7.85 9.04
C GLU A 92 7.66 -6.71 9.75
N PHE A 93 8.13 -6.39 10.95
CA PHE A 93 7.51 -5.32 11.72
C PHE A 93 8.24 -4.02 11.41
N VAL A 94 7.51 -3.05 10.87
CA VAL A 94 8.05 -1.75 10.50
C VAL A 94 7.80 -0.80 11.66
N LYS A 95 8.86 -0.12 12.12
CA LYS A 95 8.78 0.61 13.39
C LYS A 95 7.69 1.69 13.38
N PHE A 96 7.57 2.46 12.30
CA PHE A 96 6.72 3.65 12.34
C PHE A 96 5.36 3.47 11.67
N GLY A 97 5.04 2.26 11.21
CA GLY A 97 3.68 1.98 10.77
C GLY A 97 3.32 2.55 9.41
N SER A 98 2.01 2.69 9.20
CA SER A 98 1.46 3.10 7.91
C SER A 98 1.62 4.60 7.67
N LEU A 99 1.85 4.97 6.41
CA LEU A 99 2.09 6.37 6.08
C LEU A 99 0.87 7.26 6.32
N ASP A 100 -0.34 6.74 6.12
CA ASP A 100 -1.51 7.62 6.27
C ASP A 100 -1.64 8.15 7.70
N THR A 101 -1.41 7.31 8.71
CA THR A 101 -1.55 7.87 10.05
C THR A 101 -0.31 8.70 10.43
N TYR A 102 0.85 8.38 9.86
CA TYR A 102 2.04 9.20 10.08
C TYR A 102 1.83 10.62 9.56
N LEU A 103 1.23 10.75 8.36
CA LEU A 103 1.00 12.07 7.78
C LEU A 103 0.03 12.89 8.63
N LYS A 104 -0.99 12.23 9.18
CA LYS A 104 -1.97 12.95 9.99
C LYS A 104 -1.34 13.45 11.30
N LYS A 105 -0.57 12.59 11.96
CA LYS A 105 0.01 12.95 13.24
C LYS A 105 1.20 13.91 13.10
N ASN A 106 1.78 14.02 11.91
CA ASN A 106 2.99 14.82 11.75
C ASN A 106 2.88 15.85 10.65
N LYS A 107 1.66 16.19 10.21
CA LYS A 107 1.53 17.07 9.05
C LYS A 107 2.11 18.45 9.30
N ASN A 108 2.23 18.87 10.57
CA ASN A 108 2.91 20.12 10.87
C ASN A 108 4.37 20.07 10.43
N CYS A 109 5.05 18.94 10.65
CA CYS A 109 6.49 18.86 10.50
C CYS A 109 6.94 18.15 9.22
N ILE A 110 6.13 18.20 8.17
CA ILE A 110 6.44 17.51 6.91
C ILE A 110 6.40 18.52 5.77
N ASN A 111 7.52 18.68 5.08
CA ASN A 111 7.69 19.71 4.06
C ASN A 111 7.84 19.08 2.67
N ILE A 112 8.03 19.96 1.68
CA ILE A 112 8.00 19.52 0.28
C ILE A 112 9.15 18.57 -0.02
N LEU A 113 10.30 18.76 0.64
CA LEU A 113 11.45 17.89 0.37
C LEU A 113 11.20 16.48 0.88
N TRP A 114 10.56 16.35 2.05
CA TRP A 114 10.16 15.04 2.58
C TRP A 114 9.17 14.34 1.66
N LYS A 115 8.15 15.07 1.21
CA LYS A 115 7.15 14.48 0.32
C LYS A 115 7.79 14.03 -1.00
N LEU A 116 8.76 14.80 -1.50
CA LEU A 116 9.35 14.47 -2.79
C LEU A 116 10.22 13.23 -2.69
N GLU A 117 10.92 13.07 -1.57
CA GLU A 117 11.75 11.89 -1.37
C GLU A 117 10.90 10.63 -1.25
N VAL A 118 9.81 10.70 -0.50
CA VAL A 118 8.90 9.56 -0.36
C VAL A 118 8.23 9.25 -1.69
N ALA A 119 7.89 10.30 -2.45
CA ALA A 119 7.29 10.08 -3.78
C ALA A 119 8.27 9.40 -4.72
N LYS A 120 9.54 9.82 -4.70
CA LYS A 120 10.56 9.19 -5.55
C LYS A 120 10.76 7.73 -5.19
N GLN A 121 10.78 7.42 -3.88
CA GLN A 121 10.96 6.05 -3.46
C GLN A 121 9.77 5.19 -3.87
N LEU A 122 8.54 5.70 -3.70
CA LEU A 122 7.39 4.92 -4.14
C LEU A 122 7.42 4.69 -5.65
N ALA A 123 7.83 5.71 -6.43
CA ALA A 123 7.95 5.52 -7.87
C ALA A 123 9.01 4.49 -8.23
N ALA A 124 10.12 4.47 -7.50
CA ALA A 124 11.13 3.45 -7.77
C ALA A 124 10.56 2.05 -7.57
N ALA A 125 9.78 1.86 -6.52
CA ALA A 125 9.18 0.55 -6.27
C ALA A 125 8.23 0.16 -7.40
N MET A 126 7.42 1.11 -7.85
CA MET A 126 6.44 0.83 -8.91
C MET A 126 7.12 0.63 -10.27
N HIS A 127 8.23 1.33 -10.52
CA HIS A 127 9.00 1.08 -11.75
C HIS A 127 9.53 -0.35 -11.76
N PHE A 128 10.05 -0.82 -10.63
CA PHE A 128 10.50 -2.20 -10.48
C PHE A 128 9.37 -3.18 -10.81
N LEU A 129 8.19 -2.95 -10.24
CA LEU A 129 7.04 -3.80 -10.53
C LEU A 129 6.67 -3.76 -12.00
N GLU A 130 6.62 -2.55 -12.59
CA GLU A 130 6.24 -2.45 -14.00
C GLU A 130 7.23 -3.15 -14.91
N GLU A 131 8.53 -3.04 -14.61
CA GLU A 131 9.54 -3.74 -15.40
C GLU A 131 9.37 -5.25 -15.31
N ASN A 132 8.86 -5.75 -14.19
CA ASN A 132 8.57 -7.16 -14.01
C ASN A 132 7.13 -7.51 -14.40
N THR A 133 6.40 -6.58 -15.02
CA THR A 133 5.00 -6.74 -15.40
C THR A 133 4.18 -7.40 -14.27
N LEU A 134 4.35 -6.90 -13.05
CA LEU A 134 3.58 -7.39 -11.92
C LEU A 134 2.66 -6.29 -11.40
N ILE A 135 1.36 -6.56 -11.39
CA ILE A 135 0.36 -5.60 -10.92
C ILE A 135 0.28 -5.65 -9.40
N HIS A 136 0.28 -4.48 -8.74
CA HIS A 136 0.02 -4.42 -7.30
C HIS A 136 -1.46 -4.44 -7.02
N GLY A 137 -2.20 -3.44 -7.53
CA GLY A 137 -3.65 -3.43 -7.43
C GLY A 137 -4.23 -2.68 -6.25
N ASN A 138 -3.44 -2.30 -5.25
CA ASN A 138 -3.97 -1.47 -4.16
C ASN A 138 -2.89 -0.51 -3.63
N VAL A 139 -2.40 0.40 -4.49
CA VAL A 139 -1.46 1.42 -4.06
C VAL A 139 -2.21 2.50 -3.29
N CYS A 140 -1.81 2.75 -2.05
CA CYS A 140 -2.45 3.74 -1.20
C CYS A 140 -1.54 4.02 0.00
N ALA A 141 -1.78 5.15 0.65
CA ALA A 141 -0.89 5.56 1.75
C ALA A 141 -0.93 4.59 2.92
N LYS A 142 -2.10 3.98 3.17
CA LYS A 142 -2.18 2.96 4.23
C LYS A 142 -1.26 1.78 3.94
N ASN A 143 -0.99 1.52 2.67
CA ASN A 143 -0.12 0.40 2.28
C ASN A 143 1.34 0.83 2.12
N ILE A 144 1.71 2.03 2.57
CA ILE A 144 3.11 2.45 2.61
C ILE A 144 3.58 2.44 4.06
N LEU A 145 4.71 1.78 4.30
CA LEU A 145 5.24 1.61 5.65
C LEU A 145 6.51 2.45 5.82
N LEU A 146 6.62 3.13 6.95
CA LEU A 146 7.74 4.03 7.21
C LEU A 146 8.76 3.28 8.05
N ILE A 147 9.84 2.86 7.39
CA ILE A 147 10.94 2.13 8.05
C ILE A 147 11.75 3.06 8.94
N ARG A 148 12.01 4.28 8.47
CA ARG A 148 12.96 5.19 9.09
C ARG A 148 12.49 6.63 8.93
N GLU A 149 12.50 7.39 10.02
CA GLU A 149 12.19 8.81 9.95
C GLU A 149 13.35 9.58 9.34
N GLU A 150 13.03 10.77 8.82
CA GLU A 150 14.05 11.69 8.36
C GLU A 150 14.87 12.19 9.54
N ASP A 151 16.18 12.33 9.34
CA ASP A 151 17.10 12.88 10.34
C ASP A 151 17.96 13.90 9.62
N ARG A 152 17.50 15.16 9.63
CA ARG A 152 18.26 16.24 9.00
C ARG A 152 19.62 16.44 9.69
N LYS A 153 19.72 16.09 10.97
CA LYS A 153 20.99 16.27 11.69
C LYS A 153 22.08 15.38 11.12
N THR A 154 21.71 14.23 10.55
CA THR A 154 22.65 13.38 9.81
C THR A 154 22.39 13.39 8.31
N GLY A 155 21.53 14.29 7.83
CA GLY A 155 21.20 14.32 6.41
C GLY A 155 20.53 13.07 5.91
N ASN A 156 19.92 12.28 6.80
CA ASN A 156 19.31 11.02 6.44
C ASN A 156 17.89 11.24 5.94
N PRO A 157 17.53 10.74 4.76
CA PRO A 157 16.14 10.86 4.30
C PRO A 157 15.26 9.84 4.97
N PRO A 158 13.94 10.04 4.97
CA PRO A 158 13.04 8.95 5.37
C PRO A 158 13.16 7.79 4.39
N PHE A 159 12.71 6.61 4.85
CA PHE A 159 12.78 5.41 4.01
C PHE A 159 11.47 4.63 4.14
N ILE A 160 10.87 4.25 3.01
CA ILE A 160 9.57 3.60 2.99
C ILE A 160 9.65 2.27 2.25
N LYS A 161 8.66 1.41 2.53
CA LYS A 161 8.43 0.18 1.77
C LYS A 161 6.95 0.07 1.45
N LEU A 162 6.65 -0.60 0.33
CA LEU A 162 5.29 -0.86 -0.13
C LEU A 162 4.83 -2.22 0.37
N SER A 163 3.66 -2.25 1.02
CA SER A 163 3.14 -3.47 1.64
C SER A 163 2.41 -4.31 0.60
N ASP A 164 1.92 -5.49 1.02
CA ASP A 164 1.23 -6.34 0.06
C ASP A 164 -0.17 -5.78 -0.23
N PRO A 165 -0.78 -6.16 -1.36
CA PRO A 165 -2.03 -5.51 -1.76
C PRO A 165 -3.28 -5.99 -1.04
N GLY A 166 -3.23 -7.16 -0.39
CA GLY A 166 -4.44 -7.71 0.20
C GLY A 166 -5.33 -8.38 -0.84
N ILE A 167 -6.54 -8.71 -0.40
CA ILE A 167 -7.50 -9.38 -1.28
C ILE A 167 -7.72 -8.52 -2.53
N SER A 168 -7.65 -9.16 -3.70
CA SER A 168 -7.71 -8.47 -4.98
C SER A 168 -9.08 -7.82 -5.19
N ILE A 169 -9.08 -6.67 -5.87
CA ILE A 169 -10.35 -6.03 -6.25
C ILE A 169 -11.13 -6.88 -7.24
N THR A 170 -10.48 -7.87 -7.85
CA THR A 170 -11.18 -8.76 -8.77
C THR A 170 -12.09 -9.76 -8.07
N VAL A 171 -12.05 -9.83 -6.73
CA VAL A 171 -12.95 -10.71 -5.99
C VAL A 171 -13.70 -9.98 -4.88
N LEU A 172 -13.46 -8.70 -4.68
CA LEU A 172 -14.12 -8.04 -3.56
C LEU A 172 -15.56 -7.65 -3.92
N PRO A 173 -16.43 -7.55 -2.92
CA PRO A 173 -17.79 -7.07 -3.15
C PRO A 173 -17.80 -5.68 -3.79
N LYS A 174 -18.85 -5.43 -4.57
CA LYS A 174 -18.97 -4.17 -5.30
C LYS A 174 -19.05 -2.96 -4.36
N ASP A 175 -19.68 -3.10 -3.19
CA ASP A 175 -19.80 -1.93 -2.33
C ASP A 175 -18.46 -1.55 -1.70
N ILE A 176 -17.56 -2.52 -1.53
CA ILE A 176 -16.22 -2.20 -1.03
C ILE A 176 -15.41 -1.47 -2.11
N LEU A 177 -15.51 -1.94 -3.36
CA LEU A 177 -14.82 -1.26 -4.46
C LEU A 177 -15.30 0.17 -4.60
N GLN A 178 -16.61 0.40 -4.49
CA GLN A 178 -17.12 1.76 -4.59
C GLN A 178 -16.60 2.64 -3.46
N GLU A 179 -16.49 2.10 -2.25
CA GLU A 179 -15.94 2.88 -1.14
C GLU A 179 -14.46 3.20 -1.34
N ARG A 180 -13.78 2.47 -2.21
CA ARG A 180 -12.37 2.68 -2.49
C ARG A 180 -12.15 3.64 -3.65
N ILE A 181 -13.21 4.23 -4.18
CA ILE A 181 -13.02 5.39 -5.06
C ILE A 181 -12.46 6.54 -4.23
N PRO A 182 -11.45 7.29 -4.71
CA PRO A 182 -10.80 7.31 -6.02
C PRO A 182 -9.43 6.60 -6.13
N TRP A 183 -9.18 5.59 -5.29
CA TRP A 183 -7.98 4.76 -5.48
C TRP A 183 -8.20 3.74 -6.59
N VAL A 184 -9.38 3.12 -6.61
CA VAL A 184 -9.73 2.18 -7.69
C VAL A 184 -10.07 2.99 -8.93
N PRO A 185 -9.47 2.68 -10.08
CA PRO A 185 -9.65 3.55 -11.27
C PRO A 185 -11.01 3.36 -11.92
N PRO A 186 -11.44 4.32 -12.75
CA PRO A 186 -12.79 4.24 -13.35
C PRO A 186 -13.03 2.98 -14.17
N GLU A 187 -12.01 2.51 -14.90
CA GLU A 187 -12.23 1.31 -15.69
C GLU A 187 -12.41 0.07 -14.83
N CYS A 188 -11.90 0.07 -13.59
CA CYS A 188 -12.11 -1.07 -12.71
C CYS A 188 -13.45 -1.02 -12.00
N ILE A 189 -14.01 0.17 -11.80
CA ILE A 189 -15.39 0.27 -11.34
C ILE A 189 -16.33 -0.25 -12.42
N GLU A 190 -16.09 0.12 -13.68
CA GLU A 190 -16.83 -0.45 -14.81
C GLU A 190 -16.73 -1.97 -14.84
N ASN A 191 -15.52 -2.50 -14.69
CA ASN A 191 -15.28 -3.93 -14.78
C ASN A 191 -14.02 -4.28 -14.01
N PRO A 192 -14.14 -4.86 -12.81
CA PRO A 192 -12.92 -5.18 -12.04
C PRO A 192 -11.91 -6.03 -12.79
N LYS A 193 -12.34 -6.79 -13.80
CA LYS A 193 -11.42 -7.58 -14.61
C LYS A 193 -10.57 -6.74 -15.56
N ASN A 194 -10.80 -5.43 -15.61
CA ASN A 194 -9.91 -4.53 -16.34
C ASN A 194 -8.62 -4.22 -15.58
N LEU A 195 -8.37 -4.90 -14.47
CA LEU A 195 -7.14 -4.68 -13.70
C LEU A 195 -5.90 -4.91 -14.57
N ASN A 196 -5.00 -3.93 -14.58
CA ASN A 196 -3.93 -3.83 -15.57
C ASN A 196 -2.77 -3.07 -14.94
N LEU A 197 -1.60 -3.12 -15.57
CA LEU A 197 -0.51 -2.27 -15.09
C LEU A 197 -0.95 -0.81 -14.98
N ALA A 198 -1.77 -0.34 -15.93
CA ALA A 198 -2.23 1.04 -15.91
C ALA A 198 -3.09 1.35 -14.68
N THR A 199 -3.70 0.33 -14.07
CA THR A 199 -4.41 0.54 -12.81
C THR A 199 -3.50 1.22 -11.78
N ASP A 200 -2.26 0.74 -11.67
CA ASP A 200 -1.38 1.22 -10.61
C ASP A 200 -0.93 2.65 -10.86
N LYS A 201 -0.90 3.10 -12.11
CA LYS A 201 -0.54 4.49 -12.36
C LYS A 201 -1.61 5.43 -11.80
N TRP A 202 -2.89 5.09 -11.97
CA TRP A 202 -3.96 5.92 -11.43
C TRP A 202 -3.89 5.97 -9.90
N SER A 203 -3.78 4.80 -9.24
CA SER A 203 -3.73 4.77 -7.78
C SER A 203 -2.49 5.47 -7.24
N PHE A 204 -1.37 5.37 -7.95
CA PHE A 204 -0.19 6.13 -7.56
C PHE A 204 -0.49 7.63 -7.50
N GLY A 205 -1.25 8.15 -8.46
CA GLY A 205 -1.65 9.54 -8.40
C GLY A 205 -2.48 9.84 -7.16
N THR A 206 -3.49 9.00 -6.89
CA THR A 206 -4.29 9.19 -5.69
C THR A 206 -3.42 9.19 -4.44
N THR A 207 -2.38 8.34 -4.43
CA THR A 207 -1.52 8.23 -3.26
C THR A 207 -0.65 9.47 -3.09
N LEU A 208 -0.13 10.03 -4.20
CA LEU A 208 0.56 11.31 -4.10
C LEU A 208 -0.33 12.39 -3.51
N TRP A 209 -1.62 12.40 -3.91
CA TRP A 209 -2.55 13.36 -3.31
C TRP A 209 -2.61 13.17 -1.79
N GLU A 210 -2.67 11.93 -1.33
CA GLU A 210 -2.65 11.69 0.12
C GLU A 210 -1.38 12.26 0.76
N ILE A 211 -0.22 11.99 0.16
CA ILE A 211 1.05 12.44 0.71
C ILE A 211 1.12 13.96 0.82
N CYS A 212 0.49 14.67 -0.12
CA CYS A 212 0.49 16.12 -0.13
C CYS A 212 -0.62 16.72 0.74
N SER A 213 -1.54 15.92 1.27
CA SER A 213 -2.71 16.44 1.97
C SER A 213 -2.72 16.06 3.45
N GLY A 214 -1.54 15.84 4.03
CA GLY A 214 -1.43 15.65 5.47
C GLY A 214 -2.31 14.56 6.06
N GLY A 215 -2.62 13.54 5.26
CA GLY A 215 -3.40 12.41 5.74
C GLY A 215 -4.89 12.47 5.44
N ASP A 216 -5.39 13.57 4.87
CA ASP A 216 -6.77 13.61 4.43
C ASP A 216 -7.05 12.52 3.41
N LYS A 217 -8.30 12.07 3.37
CA LYS A 217 -8.74 11.07 2.41
C LYS A 217 -9.51 11.75 1.29
N PRO A 218 -9.09 11.62 0.03
CA PRO A 218 -9.77 12.36 -1.04
C PRO A 218 -11.21 11.89 -1.19
N LEU A 219 -12.12 12.85 -1.35
CA LEU A 219 -13.56 12.57 -1.52
C LEU A 219 -14.19 11.88 -0.31
N SER A 220 -13.62 12.00 0.89
CA SER A 220 -14.23 11.32 2.04
C SER A 220 -15.62 11.88 2.38
N ALA A 221 -15.90 13.12 2.01
CA ALA A 221 -17.21 13.71 2.24
C ALA A 221 -18.29 13.16 1.31
N LEU A 222 -17.90 12.45 0.24
CA LEU A 222 -18.86 11.87 -0.70
C LEU A 222 -19.21 10.45 -0.29
N ASP A 223 -20.51 10.15 -0.21
CA ASP A 223 -20.96 8.76 -0.05
C ASP A 223 -20.75 8.00 -1.36
N SER A 224 -21.01 6.69 -1.33
CA SER A 224 -20.64 5.84 -2.45
C SER A 224 -21.38 6.21 -3.74
N GLN A 225 -22.67 6.55 -3.65
CA GLN A 225 -23.40 6.97 -4.84
C GLN A 225 -22.77 8.21 -5.45
N ARG A 226 -22.33 9.16 -4.63
CA ARG A 226 -21.72 10.36 -5.18
C ARG A 226 -20.31 10.10 -5.72
N LYS A 227 -19.59 9.12 -5.15
CA LYS A 227 -18.29 8.76 -5.69
C LYS A 227 -18.43 8.16 -7.09
N LEU A 228 -19.47 7.34 -7.29
CA LEU A 228 -19.78 6.83 -8.62
C LEU A 228 -20.06 7.96 -9.61
N GLN A 229 -20.86 8.95 -9.21
CA GLN A 229 -21.20 10.04 -10.12
C GLN A 229 -20.02 10.98 -10.35
N PHE A 230 -19.10 11.06 -9.39
CA PHE A 230 -17.83 11.76 -9.61
C PHE A 230 -17.11 11.20 -10.84
N TYR A 231 -17.03 9.88 -10.95
CA TYR A 231 -16.37 9.27 -12.11
C TYR A 231 -17.20 9.45 -13.39
N GLU A 232 -18.53 9.32 -13.28
CA GLU A 232 -19.38 9.51 -14.45
C GLU A 232 -19.22 10.91 -15.02
N ASP A 233 -19.07 11.91 -14.14
CA ASP A 233 -18.88 13.28 -14.61
C ASP A 233 -17.43 13.60 -14.95
N ARG A 234 -16.51 12.63 -14.84
CA ARG A 234 -15.11 12.80 -15.22
C ARG A 234 -14.43 13.96 -14.48
N HIS A 235 -14.73 14.09 -13.18
CA HIS A 235 -14.05 15.07 -12.36
C HIS A 235 -12.63 14.62 -12.01
N GLN A 236 -11.78 15.58 -11.64
CA GLN A 236 -10.47 15.31 -11.06
C GLN A 236 -10.44 15.77 -9.60
N LEU A 237 -9.42 15.34 -8.87
CA LEU A 237 -9.30 15.77 -7.48
C LEU A 237 -8.85 17.23 -7.42
N PRO A 238 -9.21 17.94 -6.36
CA PRO A 238 -8.71 19.31 -6.19
C PRO A 238 -7.22 19.30 -5.92
N ALA A 239 -6.54 20.35 -6.36
CA ALA A 239 -5.13 20.49 -6.07
C ALA A 239 -4.95 20.59 -4.56
N PRO A 240 -4.00 19.85 -3.97
CA PRO A 240 -3.69 20.06 -2.55
C PRO A 240 -3.20 21.47 -2.28
N LYS A 241 -3.38 21.92 -1.03
CA LYS A 241 -2.96 23.27 -0.65
C LYS A 241 -1.51 23.51 -1.00
N ALA A 242 -0.63 22.58 -0.64
CA ALA A 242 0.73 22.50 -1.15
C ALA A 242 0.68 21.81 -2.51
N ALA A 243 0.71 22.58 -3.58
CA ALA A 243 0.29 22.11 -4.90
C ALA A 243 1.45 21.67 -5.80
N GLU A 244 2.65 21.50 -5.25
CA GLU A 244 3.83 21.27 -6.10
C GLU A 244 3.69 20.03 -6.97
N LEU A 245 2.90 19.05 -6.55
CA LEU A 245 2.77 17.77 -7.26
C LEU A 245 1.44 17.63 -7.98
N ALA A 246 0.64 18.69 -8.07
CA ALA A 246 -0.74 18.54 -8.53
C ALA A 246 -0.80 18.16 -10.01
N ASN A 247 0.07 18.72 -10.85
CA ASN A 247 0.03 18.36 -12.26
C ASN A 247 0.38 16.89 -12.45
N LEU A 248 1.37 16.40 -11.70
CA LEU A 248 1.73 14.98 -11.77
C LEU A 248 0.56 14.11 -11.31
N ILE A 249 -0.12 14.54 -10.24
CA ILE A 249 -1.29 13.80 -9.77
C ILE A 249 -2.34 13.69 -10.87
N ASN A 250 -2.65 14.81 -11.51
CA ASN A 250 -3.71 14.78 -12.52
C ASN A 250 -3.27 14.01 -13.76
N ASN A 251 -2.00 14.11 -14.13
CA ASN A 251 -1.46 13.37 -15.27
C ASN A 251 -1.56 11.87 -15.04
N CYS A 252 -1.33 11.42 -13.80
CA CYS A 252 -1.45 10.00 -13.50
C CYS A 252 -2.90 9.56 -13.46
N MET A 253 -3.78 10.40 -12.92
CA MET A 253 -5.19 10.07 -12.84
C MET A 253 -5.89 10.48 -14.14
N ASP A 254 -5.50 9.81 -15.23
CA ASP A 254 -6.03 10.08 -16.57
C ASP A 254 -7.15 9.08 -16.84
N TYR A 255 -8.34 9.58 -17.21
CA TYR A 255 -9.44 8.64 -17.47
C TYR A 255 -9.16 7.72 -18.65
N GLU A 256 -8.18 8.04 -19.51
CA GLU A 256 -7.78 7.11 -20.57
C GLU A 256 -6.59 6.29 -20.09
N PRO A 257 -6.76 5.00 -19.80
CA PRO A 257 -5.65 4.24 -19.21
C PRO A 257 -4.41 4.17 -20.09
N ASP A 258 -4.57 4.18 -21.43
CA ASP A 258 -3.41 4.11 -22.32
C ASP A 258 -2.59 5.38 -22.31
N HIS A 259 -3.12 6.48 -21.79
CA HIS A 259 -2.39 7.73 -21.78
C HIS A 259 -1.63 7.97 -20.49
N ARG A 260 -1.79 7.11 -19.48
CA ARG A 260 -1.10 7.31 -18.22
C ARG A 260 0.39 7.10 -18.43
N PRO A 261 1.24 7.95 -17.86
CA PRO A 261 2.68 7.89 -18.15
C PRO A 261 3.34 6.69 -17.49
N SER A 262 4.40 6.20 -18.15
CA SER A 262 5.20 5.14 -17.56
C SER A 262 5.84 5.64 -16.28
N PHE A 263 6.23 4.70 -15.43
CA PHE A 263 6.91 5.12 -14.22
C PHE A 263 8.30 5.69 -14.49
N ARG A 264 8.93 5.32 -15.61
CA ARG A 264 10.19 5.98 -15.98
C ARG A 264 9.95 7.47 -16.22
N ALA A 265 8.91 7.80 -17.01
CA ALA A 265 8.56 9.19 -17.23
C ALA A 265 8.17 9.89 -15.92
N ILE A 266 7.44 9.17 -15.06
CA ILE A 266 7.08 9.73 -13.74
C ILE A 266 8.34 10.08 -12.96
N ILE A 267 9.31 9.16 -12.93
CA ILE A 267 10.54 9.44 -12.19
C ILE A 267 11.28 10.63 -12.81
N ARG A 268 11.26 10.75 -14.13
CA ARG A 268 11.87 11.90 -14.79
C ARG A 268 11.23 13.21 -14.33
N ASP A 269 9.89 13.24 -14.30
CA ASP A 269 9.16 14.40 -13.78
C ASP A 269 9.58 14.75 -12.36
N LEU A 270 9.57 13.75 -11.47
CA LEU A 270 9.89 14.01 -10.07
C LEU A 270 11.30 14.56 -9.93
N ASN A 271 12.23 14.04 -10.72
CA ASN A 271 13.61 14.51 -10.67
C ASN A 271 13.77 15.92 -11.20
N SER A 272 12.76 16.45 -11.91
CA SER A 272 12.83 17.83 -12.37
C SER A 272 12.40 18.84 -11.31
N LEU A 273 11.72 18.40 -10.25
CA LEU A 273 11.36 19.30 -9.15
C LEU A 273 12.46 19.33 -8.10
C4 M3Y B . 3.33 1.04 14.44
C5 M3Y B . 1.97 1.20 14.34
C6 M3Y B . 1.24 0.43 13.45
N1 M3Y B . 4.61 -3.16 10.27
C7 M3Y B . 1.88 -0.50 12.65
C8 M3Y B . 1.64 -3.29 8.24
N2 M3Y B . 4.01 -1.60 11.95
C9 M3Y B . -0.68 -2.67 7.64
C10 M3Y B . -0.62 -2.22 6.32
C11 M3Y B . -1.73 -2.29 5.49
C12 M3Y B . -2.94 -2.79 5.95
N3 M3Y B . -0.40 1.92 15.46
C13 M3Y B . -3.01 -3.23 7.26
C14 M3Y B . -1.89 -3.17 8.10
N4 M3Y B . 2.54 -2.21 10.24
N M3Y B . 4.37 -4.53 8.30
C M3Y B . 3.93 -3.64 9.22
O M3Y B . 1.71 2.34 16.66
C1 M3Y B . 3.71 -2.31 10.83
C2 M3Y B . 3.26 -0.68 12.73
C3 M3Y B . 3.99 0.11 13.64
N5 M3Y B . 2.69 -3.08 9.19
N6 M3Y B . 0.49 -2.59 8.44
O1 M3Y B . 1.13 3.65 14.66
O2 M3Y B . 1.84 -4.06 7.33
S M3Y B . 1.12 2.38 15.36
#